data_4YHX
#
_entry.id   4YHX
#
_cell.length_a   151.985
_cell.length_b   39.895
_cell.length_c   73.986
_cell.angle_alpha   90.000
_cell.angle_beta   90.430
_cell.angle_gamma   90.000
#
_symmetry.space_group_name_H-M   'C 1 2 1'
#
loop_
_entity.id
_entity.type
_entity.pdbx_description
1 polymer 'Ribosomal protein 3/homing endonuclease-like fusion protein'
2 polymer 'DNA (27-MER)'
3 polymer 'DNA (27-MER)'
4 non-polymer 'CALCIUM ION'
5 water water
#
loop_
_entity_poly.entity_id
_entity_poly.type
_entity_poly.pdbx_seq_one_letter_code
_entity_poly.pdbx_strand_id
1 'polypeptide(L)'
;PTRNESINPWVLTGFADAEGSFILRIRNNNKSSAGYSTELGFQITLHKKDKSILENIQSTWKVGVIANSGDNAVSLKVTR
FEDLRVVLNHFEKYPLITQKLGDYLLFKQAFSVMENKEHLKIEGIKRLVGIKANLNWGLTDELKEAFVASGGENIFVASG
GERSLINKNIPNSGWLAGFTSGEGCFFVSLIKSKSKLGVQVQLVFSITQHARDRELMDNLVTYLGCGYIKEKKKSEFSWL
EFVVTKFSDIKDKIIPVFQENNIIGVKLEDFEDWCKVAKLIEEKKHLTESGLEEIRNIKLNMNKGRVL
;
A
2 'polydeoxyribonucleotide'
;(DC)(DC)(DT)(DT)(DT)(DC)(DC)(DG)(DC)(DT)(DT)(DA)(DT)(DT)(DC)(DA)(DA)(DC)(DC)(DC)
(DT)(DT)(DT)(DA)(DC)(DC)(DC)
;
B
3 'polydeoxyribonucleotide'
;(DG)(DG)(DT)(DA)(DA)(DA)(DG)(DG)(DG)(DT)(DT)(DG)(DA)(DA)(DT)(DA)(DA)(DG)(DC)(DG)
(DG)(DA)(DA)(DA)(DG)(DG)(DG)
;
C
#
# COMPACT_ATOMS: atom_id res chain seq x y z
N ASN A 4 23.58 -4.14 3.19
CA ASN A 4 22.79 -3.07 2.51
C ASN A 4 21.30 -3.09 2.86
N GLU A 5 20.96 -3.61 4.05
CA GLU A 5 19.56 -3.87 4.46
C GLU A 5 18.89 -2.61 5.01
N SER A 6 18.56 -1.69 4.10
CA SER A 6 18.06 -0.39 4.45
C SER A 6 16.68 -0.47 5.03
N ILE A 7 15.90 -1.46 4.61
CA ILE A 7 14.51 -1.58 5.05
C ILE A 7 14.23 -2.91 5.75
N ASN A 8 13.65 -2.80 6.94
CA ASN A 8 13.19 -3.90 7.71
C ASN A 8 12.17 -4.75 6.91
N PRO A 9 12.31 -6.08 6.91
CA PRO A 9 11.47 -6.87 6.00
C PRO A 9 9.95 -6.77 6.25
N TRP A 10 9.53 -6.69 7.50
CA TRP A 10 8.12 -6.51 7.79
C TRP A 10 7.56 -5.17 7.40
N VAL A 11 8.32 -4.12 7.64
CA VAL A 11 8.02 -2.81 7.07
C VAL A 11 7.79 -2.87 5.58
N LEU A 12 8.67 -3.59 4.89
CA LEU A 12 8.51 -3.75 3.44
C LEU A 12 7.26 -4.55 3.01
N THR A 13 6.95 -5.66 3.70
CA THR A 13 5.70 -6.35 3.46
C THR A 13 4.53 -5.37 3.74
N GLY A 14 4.64 -4.56 4.77
CA GLY A 14 3.58 -3.60 5.08
C GLY A 14 3.35 -2.60 3.95
N PHE A 15 4.44 -2.07 3.44
CA PHE A 15 4.42 -1.08 2.40
C PHE A 15 3.93 -1.71 1.11
N ALA A 16 4.35 -2.93 0.78
CA ALA A 16 3.77 -3.68 -0.40
C ALA A 16 2.27 -4.03 -0.28
N ASP A 17 1.78 -4.33 0.91
CA ASP A 17 0.33 -4.54 1.13
C ASP A 17 -0.45 -3.29 0.79
N ALA A 18 0.14 -2.12 1.11
CA ALA A 18 -0.41 -0.81 0.76
C ALA A 18 -0.26 -0.46 -0.75
N GLU A 19 0.97 -0.57 -1.27
CA GLU A 19 1.33 -0.02 -2.58
C GLU A 19 1.77 -0.95 -3.71
N GLY A 20 2.14 -2.18 -3.44
CA GLY A 20 2.56 -3.05 -4.51
C GLY A 20 1.45 -3.62 -5.38
N SER A 21 1.87 -4.37 -6.40
CA SER A 21 1.01 -4.85 -7.46
C SER A 21 1.68 -6.04 -8.07
N PHE A 22 0.92 -7.09 -8.31
CA PHE A 22 1.42 -8.34 -8.94
C PHE A 22 0.81 -8.45 -10.31
N ILE A 23 1.65 -8.61 -11.33
CA ILE A 23 1.20 -8.45 -12.69
C ILE A 23 1.51 -9.70 -13.51
N LEU A 24 0.53 -10.12 -14.27
CA LEU A 24 0.60 -11.21 -15.21
C LEU A 24 0.04 -10.72 -16.53
N ARG A 25 0.89 -10.55 -17.52
CA ARG A 25 0.42 -10.19 -18.84
C ARG A 25 0.48 -11.39 -19.74
N ILE A 26 -0.59 -11.52 -20.54
CA ILE A 26 -0.66 -12.50 -21.62
C ILE A 26 -0.92 -11.69 -22.89
N ARG A 27 0.06 -11.69 -23.78
CA ARG A 27 0.02 -10.77 -24.92
C ARG A 27 -0.01 -11.56 -26.21
N ASN A 28 -0.87 -11.12 -27.13
N ASN A 28 -0.89 -11.19 -27.13
CA ASN A 28 -0.83 -11.53 -28.53
CA ASN A 28 -0.90 -11.80 -28.45
C ASN A 28 0.60 -11.48 -29.01
C ASN A 28 0.46 -11.53 -29.08
N ASN A 29 1.14 -12.59 -29.49
CA ASN A 29 2.47 -12.52 -30.09
C ASN A 29 2.59 -13.48 -31.27
N ASN A 30 2.55 -12.88 -32.47
CA ASN A 30 2.72 -13.61 -33.74
C ASN A 30 4.02 -14.41 -33.81
N LYS A 31 5.05 -13.96 -33.08
CA LYS A 31 6.33 -14.66 -33.09
C LYS A 31 6.50 -15.76 -32.02
N SER A 32 5.48 -15.98 -31.19
CA SER A 32 5.59 -16.98 -30.10
C SER A 32 5.01 -18.28 -30.64
N SER A 33 5.62 -19.44 -30.31
CA SER A 33 5.09 -20.75 -30.74
C SER A 33 3.61 -20.94 -30.32
N ALA A 34 3.25 -20.51 -29.11
CA ALA A 34 1.89 -20.69 -28.62
C ALA A 34 0.91 -19.62 -29.12
N GLY A 35 1.40 -18.56 -29.76
CA GLY A 35 0.53 -17.47 -30.19
C GLY A 35 0.43 -16.34 -29.17
N TYR A 36 1.02 -16.57 -27.99
CA TYR A 36 0.98 -15.63 -26.92
C TYR A 36 2.29 -15.63 -26.15
N SER A 37 2.72 -14.46 -25.68
CA SER A 37 3.85 -14.40 -24.75
C SER A 37 3.38 -13.89 -23.37
N THR A 38 4.17 -14.20 -22.33
CA THR A 38 3.84 -13.86 -20.95
C THR A 38 4.90 -13.01 -20.30
N GLU A 39 4.44 -12.25 -19.30
CA GLU A 39 5.30 -11.44 -18.46
C GLU A 39 4.69 -11.48 -17.06
N LEU A 40 5.48 -11.93 -16.12
CA LEU A 40 5.13 -11.94 -14.75
C LEU A 40 6.00 -10.88 -14.05
N GLY A 41 5.38 -10.12 -13.15
CA GLY A 41 6.01 -8.98 -12.53
C GLY A 41 5.51 -8.63 -11.16
N PHE A 42 6.38 -7.98 -10.39
CA PHE A 42 6.00 -7.32 -9.19
C PHE A 42 6.40 -5.88 -9.34
N GLN A 43 5.56 -4.98 -8.88
CA GLN A 43 5.88 -3.59 -8.99
C GLN A 43 5.27 -2.63 -8.00
N ILE A 44 5.97 -1.49 -7.84
CA ILE A 44 5.59 -0.37 -6.97
C ILE A 44 5.75 0.94 -7.67
N THR A 45 4.67 1.72 -7.73
CA THR A 45 4.70 3.04 -8.36
C THR A 45 4.38 4.09 -7.26
N LEU A 46 5.24 5.08 -7.11
CA LEU A 46 5.11 6.10 -6.09
C LEU A 46 5.40 7.46 -6.69
N HIS A 47 4.96 8.52 -6.04
CA HIS A 47 5.40 9.85 -6.44
C HIS A 47 6.94 9.92 -6.33
N LYS A 48 7.54 10.61 -7.28
CA LYS A 48 9.01 10.79 -7.33
C LYS A 48 9.68 11.33 -6.10
N LYS A 49 9.00 12.13 -5.30
CA LYS A 49 9.50 12.56 -3.98
C LYS A 49 9.89 11.35 -3.09
N ASP A 50 9.35 10.15 -3.37
CA ASP A 50 9.71 8.95 -2.57
C ASP A 50 10.53 7.90 -3.34
N LYS A 51 11.19 8.31 -4.42
CA LYS A 51 12.23 7.53 -5.05
C LYS A 51 13.11 6.78 -4.05
N SER A 52 13.56 7.45 -2.99
CA SER A 52 14.53 6.86 -2.08
C SER A 52 14.00 5.56 -1.46
N ILE A 53 12.71 5.49 -1.18
CA ILE A 53 12.13 4.22 -0.73
C ILE A 53 12.38 3.06 -1.71
N LEU A 54 12.16 3.33 -2.98
CA LEU A 54 12.34 2.30 -4.05
C LEU A 54 13.79 1.84 -4.18
N GLU A 55 14.69 2.81 -4.02
CA GLU A 55 16.11 2.50 -4.04
C GLU A 55 16.50 1.71 -2.80
N ASN A 56 15.86 2.00 -1.66
CA ASN A 56 16.06 1.20 -0.49
C ASN A 56 15.54 -0.23 -0.71
N ILE A 57 14.39 -0.38 -1.38
CA ILE A 57 13.88 -1.76 -1.66
C ILE A 57 14.86 -2.45 -2.56
N GLN A 58 15.26 -1.76 -3.60
CA GLN A 58 16.06 -2.35 -4.66
C GLN A 58 17.40 -2.85 -4.18
N SER A 59 18.00 -2.10 -3.26
CA SER A 59 19.27 -2.46 -2.67
C SER A 59 19.04 -3.46 -1.53
N THR A 60 17.89 -3.43 -0.90
CA THR A 60 17.65 -4.48 0.10
C THR A 60 17.42 -5.83 -0.57
N TRP A 61 16.68 -5.85 -1.68
CA TRP A 61 16.47 -7.12 -2.41
C TRP A 61 17.57 -7.49 -3.44
N LYS A 62 18.25 -6.50 -4.00
CA LYS A 62 19.23 -6.71 -5.10
C LYS A 62 18.59 -7.11 -6.44
N VAL A 63 17.34 -6.73 -6.63
CA VAL A 63 16.61 -6.96 -7.87
C VAL A 63 15.78 -5.72 -8.20
N GLY A 64 15.30 -5.65 -9.42
CA GLY A 64 14.36 -4.61 -9.76
C GLY A 64 15.03 -3.48 -10.51
N VAL A 65 14.26 -2.87 -11.38
CA VAL A 65 14.72 -1.83 -12.25
C VAL A 65 13.89 -0.60 -11.89
N ILE A 66 14.55 0.49 -11.57
CA ILE A 66 13.89 1.77 -11.29
C ILE A 66 13.84 2.68 -12.50
N ALA A 67 12.68 3.27 -12.78
CA ALA A 67 12.52 4.09 -13.97
C ALA A 67 11.45 5.09 -13.74
N ASN A 68 11.44 6.16 -14.53
CA ASN A 68 10.35 7.13 -14.40
C ASN A 68 9.07 6.54 -14.89
N SER A 69 7.96 7.12 -14.45
CA SER A 69 6.66 6.70 -14.89
C SER A 69 5.91 7.99 -14.96
N GLY A 70 5.91 8.64 -16.13
CA GLY A 70 5.23 9.93 -16.25
C GLY A 70 6.07 11.01 -15.60
N ASP A 71 5.56 12.22 -15.63
CA ASP A 71 6.35 13.38 -15.17
C ASP A 71 6.53 13.42 -13.65
N ASN A 72 5.59 12.83 -12.91
CA ASN A 72 5.56 13.00 -11.44
C ASN A 72 5.69 11.74 -10.57
N ALA A 73 6.00 10.61 -11.20
CA ALA A 73 6.03 9.36 -10.52
C ALA A 73 7.21 8.48 -10.91
N VAL A 74 7.54 7.49 -10.10
CA VAL A 74 8.64 6.54 -10.34
C VAL A 74 8.20 5.12 -9.98
N SER A 75 8.72 4.13 -10.70
CA SER A 75 8.35 2.75 -10.51
C SER A 75 9.55 1.90 -10.13
N LEU A 76 9.32 0.87 -9.33
CA LEU A 76 10.28 -0.24 -9.21
C LEU A 76 9.55 -1.45 -9.78
N LYS A 77 10.13 -2.07 -10.80
CA LYS A 77 9.54 -3.23 -11.44
C LYS A 77 10.51 -4.37 -11.40
N VAL A 78 10.00 -5.52 -10.99
CA VAL A 78 10.74 -6.75 -10.99
C VAL A 78 10.04 -7.63 -11.99
N THR A 79 10.75 -7.99 -13.07
CA THR A 79 10.21 -8.89 -14.08
C THR A 79 11.14 -10.06 -14.43
N ARG A 80 12.45 -9.90 -14.25
CA ARG A 80 13.41 -10.99 -14.51
C ARG A 80 12.96 -12.22 -13.78
N PHE A 81 12.78 -13.32 -14.45
CA PHE A 81 12.07 -14.42 -13.84
C PHE A 81 12.78 -15.00 -12.59
N GLU A 82 14.06 -15.26 -12.70
CA GLU A 82 14.81 -15.75 -11.55
C GLU A 82 14.88 -14.73 -10.40
N ASP A 83 14.86 -13.42 -10.71
CA ASP A 83 14.74 -12.41 -9.64
C ASP A 83 13.39 -12.42 -8.92
N LEU A 84 12.32 -12.88 -9.60
CA LEU A 84 11.03 -13.05 -8.94
C LEU A 84 11.11 -14.07 -7.82
N ARG A 85 12.09 -14.96 -7.85
CA ARG A 85 12.32 -15.88 -6.77
C ARG A 85 12.70 -15.15 -5.47
N VAL A 86 13.43 -14.05 -5.56
CA VAL A 86 13.69 -13.23 -4.39
C VAL A 86 12.37 -12.67 -3.83
N VAL A 87 11.52 -12.16 -4.72
CA VAL A 87 10.22 -11.59 -4.29
C VAL A 87 9.36 -12.63 -3.58
N LEU A 88 9.25 -13.83 -4.16
CA LEU A 88 8.54 -14.97 -3.55
C LEU A 88 9.12 -15.35 -2.18
N ASN A 89 10.41 -15.61 -2.11
CA ASN A 89 11.05 -15.88 -0.84
C ASN A 89 10.76 -14.82 0.21
N HIS A 90 10.78 -13.55 -0.19
CA HIS A 90 10.40 -12.51 0.78
C HIS A 90 8.97 -12.71 1.29
N PHE A 91 8.04 -12.84 0.37
CA PHE A 91 6.63 -12.99 0.74
C PHE A 91 6.25 -14.31 1.38
N GLU A 92 7.12 -15.32 1.30
CA GLU A 92 6.85 -16.58 2.00
C GLU A 92 7.24 -16.41 3.47
N LYS A 93 8.35 -15.72 3.70
CA LYS A 93 8.86 -15.47 5.01
C LYS A 93 8.14 -14.37 5.79
N TYR A 94 7.62 -13.35 5.08
CA TYR A 94 7.01 -12.17 5.68
C TYR A 94 5.71 -11.88 4.93
N PRO A 95 4.68 -12.67 5.19
CA PRO A 95 3.58 -12.77 4.25
C PRO A 95 2.69 -11.53 4.31
N LEU A 96 2.03 -11.25 3.21
CA LEU A 96 1.01 -10.18 3.13
C LEU A 96 -0.20 -10.58 3.92
N ILE A 97 -0.98 -9.58 4.36
CA ILE A 97 -2.18 -9.82 5.11
C ILE A 97 -3.48 -9.21 4.56
N THR A 98 -3.41 -8.37 3.55
CA THR A 98 -4.60 -7.76 3.02
C THR A 98 -5.14 -8.66 1.88
N GLN A 99 -6.24 -8.24 1.28
CA GLN A 99 -6.78 -8.90 0.06
C GLN A 99 -5.73 -9.08 -1.01
N LYS A 100 -4.71 -8.23 -0.94
CA LYS A 100 -3.56 -8.33 -1.79
C LYS A 100 -2.90 -9.71 -1.73
N LEU A 101 -2.95 -10.35 -0.59
CA LEU A 101 -2.48 -11.73 -0.49
C LEU A 101 -3.13 -12.66 -1.52
N GLY A 102 -4.38 -12.41 -1.91
CA GLY A 102 -5.06 -13.22 -2.97
C GLY A 102 -4.39 -13.01 -4.33
N ASP A 103 -3.89 -11.79 -4.58
CA ASP A 103 -3.17 -11.54 -5.82
C ASP A 103 -1.79 -12.20 -5.79
N TYR A 104 -1.09 -12.12 -4.67
CA TYR A 104 0.13 -12.90 -4.51
C TYR A 104 -0.05 -14.40 -4.70
N LEU A 105 -1.03 -14.99 -4.05
CA LEU A 105 -1.31 -16.43 -4.25
C LEU A 105 -1.50 -16.81 -5.73
N LEU A 106 -2.22 -16.01 -6.49
CA LEU A 106 -2.36 -16.22 -7.93
C LEU A 106 -1.06 -16.04 -8.63
N PHE A 107 -0.30 -15.03 -8.17
CA PHE A 107 1.00 -14.76 -8.71
C PHE A 107 1.92 -15.97 -8.48
N LYS A 108 1.89 -16.56 -7.30
CA LYS A 108 2.65 -17.76 -7.04
C LYS A 108 2.22 -18.94 -7.98
N GLN A 109 0.93 -19.12 -8.18
CA GLN A 109 0.46 -20.17 -9.11
C GLN A 109 1.01 -19.94 -10.55
N ALA A 110 1.01 -18.69 -11.05
CA ALA A 110 1.51 -18.47 -12.42
C ALA A 110 2.97 -18.80 -12.48
N PHE A 111 3.68 -18.52 -11.39
CA PHE A 111 5.09 -18.69 -11.37
C PHE A 111 5.39 -20.15 -11.55
N SER A 112 4.71 -20.98 -10.79
CA SER A 112 4.75 -22.45 -10.95
C SER A 112 4.54 -22.94 -12.36
N VAL A 113 3.51 -22.45 -13.01
CA VAL A 113 3.29 -22.78 -14.41
C VAL A 113 4.51 -22.43 -15.24
N MET A 114 5.02 -21.22 -15.04
CA MET A 114 6.10 -20.74 -15.88
C MET A 114 7.45 -21.43 -15.59
N GLU A 115 7.68 -21.83 -14.35
CA GLU A 115 8.92 -22.49 -13.95
C GLU A 115 9.05 -23.80 -14.76
N ASN A 116 7.99 -24.61 -14.75
N ASN A 116 8.02 -24.63 -14.77
CA ASN A 116 7.87 -25.81 -15.59
CA ASN A 116 8.03 -25.81 -15.64
C ASN A 116 7.64 -25.56 -17.11
C ASN A 116 7.63 -25.55 -17.10
N LYS A 117 7.86 -24.34 -17.59
CA LYS A 117 7.79 -24.02 -19.04
C LYS A 117 6.46 -24.26 -19.79
N GLU A 118 5.40 -24.56 -19.07
CA GLU A 118 4.13 -24.93 -19.69
C GLU A 118 3.51 -23.74 -20.42
N HIS A 119 3.95 -22.53 -20.09
CA HIS A 119 3.45 -21.34 -20.78
C HIS A 119 3.92 -21.17 -22.22
N LEU A 120 4.83 -22.04 -22.63
CA LEU A 120 5.31 -22.10 -24.00
C LEU A 120 4.37 -22.92 -24.91
N LYS A 121 3.33 -23.50 -24.30
CA LYS A 121 2.32 -24.31 -24.98
C LYS A 121 0.99 -23.68 -24.79
N ILE A 122 0.14 -23.70 -25.82
CA ILE A 122 -1.22 -23.16 -25.68
C ILE A 122 -1.95 -23.72 -24.42
N GLU A 123 -1.65 -24.94 -23.99
CA GLU A 123 -2.24 -25.49 -22.74
C GLU A 123 -1.93 -24.55 -21.56
N GLY A 124 -0.66 -24.17 -21.45
CA GLY A 124 -0.17 -23.35 -20.35
C GLY A 124 -0.74 -21.95 -20.43
N ILE A 125 -0.83 -21.42 -21.63
CA ILE A 125 -1.42 -20.13 -21.77
C ILE A 125 -2.85 -20.12 -21.26
N LYS A 126 -3.61 -21.18 -21.58
CA LYS A 126 -4.98 -21.27 -21.10
C LYS A 126 -5.04 -21.42 -19.57
N ARG A 127 -4.21 -22.26 -18.99
CA ARG A 127 -4.02 -22.25 -17.53
C ARG A 127 -3.78 -20.83 -16.94
N LEU A 128 -2.97 -20.00 -17.61
CA LEU A 128 -2.61 -18.67 -17.08
C LEU A 128 -3.76 -17.72 -17.27
N VAL A 129 -4.55 -17.91 -18.31
CA VAL A 129 -5.74 -17.09 -18.54
C VAL A 129 -6.75 -17.27 -17.40
N GLY A 130 -6.93 -18.52 -16.97
CA GLY A 130 -7.74 -18.88 -15.83
C GLY A 130 -7.23 -18.28 -14.52
N ILE A 131 -5.91 -18.28 -14.36
CA ILE A 131 -5.28 -17.64 -13.22
C ILE A 131 -5.51 -16.13 -13.31
N LYS A 132 -5.35 -15.56 -14.49
CA LYS A 132 -5.42 -14.16 -14.67
C LYS A 132 -6.81 -13.55 -14.45
N ALA A 133 -7.84 -14.37 -14.62
CA ALA A 133 -9.19 -13.92 -14.62
C ALA A 133 -9.62 -13.48 -13.26
N ASN A 134 -9.07 -14.05 -12.19
CA ASN A 134 -9.31 -13.52 -10.86
C ASN A 134 -8.22 -12.60 -10.32
N LEU A 135 -7.20 -12.29 -11.10
CA LEU A 135 -6.09 -11.48 -10.58
C LEU A 135 -6.36 -10.03 -10.95
N ASN A 136 -6.24 -9.12 -10.00
CA ASN A 136 -6.46 -7.66 -10.18
C ASN A 136 -7.73 -7.30 -10.96
N TRP A 137 -7.65 -6.64 -12.11
CA TRP A 137 -8.86 -6.25 -12.84
C TRP A 137 -9.34 -7.35 -13.81
N GLY A 138 -8.71 -8.52 -13.82
CA GLY A 138 -9.13 -9.66 -14.65
C GLY A 138 -8.79 -9.54 -16.13
N LEU A 139 -9.50 -10.31 -16.97
CA LEU A 139 -9.28 -10.40 -18.41
C LEU A 139 -9.92 -9.26 -19.11
N THR A 140 -9.21 -8.71 -20.10
CA THR A 140 -9.85 -7.81 -21.05
C THR A 140 -10.89 -8.56 -21.88
N ASP A 141 -11.63 -7.81 -22.68
CA ASP A 141 -12.65 -8.35 -23.61
C ASP A 141 -11.96 -9.12 -24.74
N GLU A 142 -10.95 -8.52 -25.36
CA GLU A 142 -10.15 -9.20 -26.39
C GLU A 142 -9.67 -10.59 -25.92
N LEU A 143 -9.26 -10.70 -24.65
CA LEU A 143 -8.73 -11.95 -24.14
C LEU A 143 -9.82 -12.88 -23.66
N LYS A 144 -10.87 -12.30 -23.07
CA LYS A 144 -12.02 -13.10 -22.65
C LYS A 144 -12.59 -13.74 -23.92
N GLU A 145 -12.73 -12.92 -24.97
CA GLU A 145 -13.33 -13.30 -26.28
C GLU A 145 -12.49 -14.31 -27.06
N ALA A 146 -11.18 -14.09 -27.05
CA ALA A 146 -10.27 -15.04 -27.69
C ALA A 146 -10.32 -16.44 -27.02
N PHE A 147 -10.65 -16.54 -25.74
CA PHE A 147 -10.64 -17.82 -25.05
C PHE A 147 -12.01 -18.33 -24.60
N VAL A 148 -13.09 -17.67 -25.01
CA VAL A 148 -14.43 -18.23 -24.82
C VAL A 148 -15.08 -18.39 -26.20
N ALA A 149 -15.78 -19.50 -26.39
CA ALA A 149 -16.53 -19.78 -27.62
C ALA A 149 -18.06 -19.64 -27.40
N SER A 150 -18.77 -19.33 -28.48
CA SER A 150 -20.22 -19.52 -28.58
C SER A 150 -20.61 -20.94 -28.09
N GLY A 151 -21.66 -21.05 -27.28
CA GLY A 151 -22.02 -22.34 -26.65
C GLY A 151 -21.15 -22.89 -25.50
N GLY A 152 -19.91 -22.41 -25.37
CA GLY A 152 -19.00 -22.88 -24.31
C GLY A 152 -19.13 -22.10 -23.00
N GLU A 153 -18.44 -22.57 -21.96
CA GLU A 153 -18.43 -21.89 -20.65
C GLU A 153 -17.55 -20.64 -20.68
N ASN A 154 -17.80 -19.70 -19.77
CA ASN A 154 -16.94 -18.50 -19.58
C ASN A 154 -15.63 -18.85 -18.83
N ILE A 155 -14.70 -17.89 -18.68
CA ILE A 155 -13.38 -18.18 -18.09
C ILE A 155 -13.41 -18.74 -16.64
N PHE A 156 -14.37 -18.29 -15.83
CA PHE A 156 -14.64 -18.87 -14.51
C PHE A 156 -15.48 -20.14 -14.69
N ASN A 167 -7.52 -13.68 4.22
CA ASN A 167 -7.60 -12.59 5.17
C ASN A 167 -6.96 -12.82 6.60
N LYS A 168 -5.77 -12.23 6.86
CA LYS A 168 -4.94 -12.59 8.04
C LYS A 168 -4.84 -11.43 9.04
N ASN A 169 -4.34 -11.69 10.25
CA ASN A 169 -4.28 -10.66 11.28
C ASN A 169 -2.98 -9.84 11.22
N ILE A 170 -2.97 -8.67 11.82
CA ILE A 170 -1.79 -7.79 11.81
C ILE A 170 -0.73 -8.52 12.58
N PRO A 171 0.42 -8.76 11.96
CA PRO A 171 1.38 -9.58 12.66
C PRO A 171 2.17 -8.80 13.68
N ASN A 172 2.50 -7.54 13.40
CA ASN A 172 3.38 -6.75 14.30
C ASN A 172 3.43 -5.31 13.87
N SER A 173 4.14 -4.49 14.64
CA SER A 173 4.19 -3.06 14.38
C SER A 173 5.08 -2.65 13.21
N GLY A 174 6.06 -3.51 12.86
CA GLY A 174 6.84 -3.35 11.65
C GLY A 174 5.88 -3.33 10.46
N TRP A 175 5.02 -4.34 10.33
CA TRP A 175 4.05 -4.39 9.26
C TRP A 175 3.16 -3.16 9.30
N LEU A 176 2.74 -2.75 10.46
CA LEU A 176 1.90 -1.57 10.57
C LEU A 176 2.63 -0.25 10.19
N ALA A 177 3.93 -0.17 10.46
CA ALA A 177 4.75 0.99 10.07
C ALA A 177 4.89 1.10 8.55
N GLY A 178 5.10 -0.04 7.87
CA GLY A 178 5.14 -0.07 6.40
C GLY A 178 3.83 0.35 5.78
N PHE A 179 2.76 -0.19 6.32
CA PHE A 179 1.47 -0.03 5.81
C PHE A 179 1.02 1.40 5.99
N THR A 180 1.32 1.97 7.14
CA THR A 180 0.97 3.34 7.41
C THR A 180 1.74 4.29 6.54
N SER A 181 2.98 3.90 6.20
CA SER A 181 3.81 4.75 5.38
C SER A 181 3.17 4.81 4.01
N GLY A 182 2.44 3.75 3.62
CA GLY A 182 1.65 3.84 2.42
C GLY A 182 0.34 4.62 2.57
N GLU A 183 -0.50 4.25 3.56
CA GLU A 183 -1.94 4.63 3.54
C GLU A 183 -2.32 5.57 4.69
N GLY A 184 -1.38 5.87 5.55
CA GLY A 184 -1.63 6.67 6.71
C GLY A 184 -1.70 8.16 6.39
N CYS A 185 -2.35 8.89 7.27
CA CYS A 185 -2.38 10.33 7.25
C CYS A 185 -2.18 10.87 8.69
N PHE A 186 -1.26 11.80 8.85
CA PHE A 186 -1.07 12.56 10.12
C PHE A 186 -1.53 14.00 9.87
N PHE A 187 -2.64 14.35 10.45
CA PHE A 187 -3.38 15.56 10.12
C PHE A 187 -3.63 16.37 11.35
N VAL A 188 -3.45 17.69 11.22
CA VAL A 188 -3.81 18.63 12.26
C VAL A 188 -5.09 19.35 11.86
N SER A 189 -6.13 19.22 12.64
CA SER A 189 -7.36 19.80 12.26
C SER A 189 -7.63 21.06 13.06
N LEU A 190 -8.05 22.10 12.37
CA LEU A 190 -8.36 23.38 13.03
C LEU A 190 -9.84 23.59 12.99
N ILE A 191 -10.48 23.38 14.11
CA ILE A 191 -11.91 23.33 14.20
C ILE A 191 -12.38 24.68 14.73
N LYS A 192 -13.32 25.33 14.05
CA LYS A 192 -13.92 26.54 14.58
C LYS A 192 -14.72 26.13 15.82
N SER A 193 -14.54 26.87 16.92
CA SER A 193 -15.08 26.45 18.23
C SER A 193 -15.68 27.61 19.04
N LYS A 194 -16.66 27.30 19.90
CA LYS A 194 -17.21 28.25 20.86
C LYS A 194 -16.34 28.29 22.14
N SER A 195 -15.01 28.21 21.95
CA SER A 195 -14.01 28.31 23.04
C SER A 195 -13.41 29.72 23.02
N LYS A 196 -12.67 30.12 24.05
CA LYS A 196 -12.10 31.50 24.14
C LYS A 196 -11.45 31.92 22.82
N LEU A 197 -10.56 31.06 22.32
CA LEU A 197 -9.78 31.33 21.09
C LEU A 197 -10.55 31.16 19.82
N GLY A 198 -11.70 30.52 19.87
CA GLY A 198 -12.48 30.31 18.65
C GLY A 198 -11.93 29.29 17.68
N VAL A 199 -10.97 28.48 18.13
CA VAL A 199 -10.41 27.38 17.33
C VAL A 199 -9.96 26.26 18.25
N GLN A 200 -10.36 25.03 17.90
CA GLN A 200 -9.92 23.83 18.62
C GLN A 200 -8.90 23.08 17.76
N VAL A 201 -7.81 22.68 18.35
CA VAL A 201 -6.83 21.89 17.65
C VAL A 201 -7.14 20.43 17.86
N GLN A 202 -7.48 19.72 16.79
CA GLN A 202 -7.73 18.26 16.89
C GLN A 202 -6.71 17.46 16.08
N LEU A 203 -5.90 16.61 16.73
CA LEU A 203 -4.99 15.76 16.02
C LEU A 203 -5.74 14.56 15.49
N VAL A 204 -5.52 14.21 14.22
CA VAL A 204 -6.21 13.06 13.60
C VAL A 204 -5.23 12.08 12.96
N PHE A 205 -5.28 10.80 13.36
CA PHE A 205 -4.52 9.82 12.67
C PHE A 205 -5.56 8.98 11.90
N SER A 206 -5.35 8.81 10.60
CA SER A 206 -6.25 8.05 9.79
C SER A 206 -5.49 7.04 8.93
N ILE A 207 -6.14 5.93 8.64
CA ILE A 207 -5.73 4.97 7.64
C ILE A 207 -6.95 4.67 6.81
N THR A 208 -6.77 4.74 5.50
CA THR A 208 -7.87 4.70 4.53
C THR A 208 -7.74 3.43 3.72
N GLN A 209 -8.87 2.77 3.44
CA GLN A 209 -8.82 1.55 2.67
C GLN A 209 -10.19 1.21 2.11
N HIS A 210 -10.23 0.64 0.90
CA HIS A 210 -11.47 0.08 0.32
C HIS A 210 -12.12 -0.97 1.25
N ALA A 211 -13.43 -1.04 1.29
CA ALA A 211 -14.13 -1.92 2.19
C ALA A 211 -13.97 -3.42 1.91
N ARG A 212 -13.29 -3.79 0.84
CA ARG A 212 -12.88 -5.19 0.66
C ARG A 212 -11.92 -5.62 1.77
N ASP A 213 -11.28 -4.64 2.43
CA ASP A 213 -10.43 -4.93 3.57
C ASP A 213 -11.08 -4.55 4.93
N ARG A 214 -12.41 -4.57 5.00
CA ARG A 214 -13.13 -4.19 6.25
C ARG A 214 -12.58 -4.89 7.45
N GLU A 215 -12.27 -6.16 7.30
CA GLU A 215 -11.73 -6.93 8.44
C GLU A 215 -10.33 -6.52 8.93
N LEU A 216 -9.50 -6.01 8.04
CA LEU A 216 -8.26 -5.38 8.41
C LEU A 216 -8.52 -4.11 9.24
N MET A 217 -9.48 -3.31 8.80
CA MET A 217 -9.86 -2.09 9.55
C MET A 217 -10.31 -2.41 10.97
N ASP A 218 -11.13 -3.46 11.12
CA ASP A 218 -11.57 -3.94 12.46
C ASP A 218 -10.38 -4.38 13.34
N ASN A 219 -9.40 -5.01 12.70
CA ASN A 219 -8.21 -5.45 13.38
C ASN A 219 -7.35 -4.26 13.81
N LEU A 220 -7.36 -3.16 13.07
CA LEU A 220 -6.65 -1.97 13.52
C LEU A 220 -7.18 -1.49 14.85
N VAL A 221 -8.50 -1.46 15.01
CA VAL A 221 -9.08 -1.01 16.24
C VAL A 221 -8.66 -1.89 17.43
N THR A 222 -8.64 -3.20 17.23
CA THR A 222 -8.23 -4.12 18.29
C THR A 222 -6.73 -4.19 18.48
N TYR A 223 -5.97 -4.06 17.41
CA TYR A 223 -4.51 -4.14 17.56
C TYR A 223 -3.99 -2.90 18.32
N LEU A 224 -4.49 -1.73 17.97
CA LEU A 224 -4.01 -0.50 18.57
C LEU A 224 -4.74 -0.13 19.90
N GLY A 225 -5.87 -0.76 20.18
CA GLY A 225 -6.63 -0.50 21.40
C GLY A 225 -7.44 0.81 21.40
N CYS A 226 -7.63 1.42 20.22
CA CYS A 226 -8.30 2.70 20.11
C CYS A 226 -8.87 2.89 18.71
N GLY A 227 -9.60 3.99 18.52
CA GLY A 227 -10.04 4.37 17.20
C GLY A 227 -11.38 3.75 16.84
N TYR A 228 -11.84 4.11 15.64
CA TYR A 228 -13.12 3.70 15.14
C TYR A 228 -13.13 3.86 13.62
N ILE A 229 -14.07 3.22 12.99
CA ILE A 229 -14.14 3.11 11.54
C ILE A 229 -15.24 3.99 11.02
N LYS A 230 -14.96 4.77 9.99
CA LYS A 230 -15.95 5.61 9.33
C LYS A 230 -16.14 5.11 7.89
N GLU A 231 -17.40 5.11 7.50
CA GLU A 231 -17.85 4.70 6.17
C GLU A 231 -17.84 5.94 5.35
N LYS A 232 -17.13 5.91 4.23
CA LYS A 232 -16.97 7.10 3.36
C LYS A 232 -17.54 6.80 1.96
N LYS A 233 -18.08 7.80 1.29
CA LYS A 233 -18.84 7.61 0.04
C LYS A 233 -18.56 8.73 -0.94
N LYS A 234 -18.49 8.42 -2.22
CA LYS A 234 -18.39 9.46 -3.28
C LYS A 234 -19.08 8.89 -4.53
N SER A 235 -20.35 9.25 -4.69
CA SER A 235 -21.21 8.74 -5.75
C SER A 235 -21.22 7.23 -5.69
N GLU A 236 -20.74 6.55 -6.71
CA GLU A 236 -20.89 5.10 -6.72
C GLU A 236 -19.77 4.41 -5.96
N PHE A 237 -18.74 5.15 -5.52
CA PHE A 237 -17.56 4.56 -4.88
C PHE A 237 -17.62 4.74 -3.39
N SER A 238 -17.13 3.75 -2.65
CA SER A 238 -17.04 3.89 -1.21
C SER A 238 -15.79 3.26 -0.67
N TRP A 239 -15.44 3.70 0.56
CA TRP A 239 -14.27 3.20 1.23
C TRP A 239 -14.42 3.36 2.74
N LEU A 240 -13.41 2.97 3.49
CA LEU A 240 -13.38 3.17 4.92
C LEU A 240 -12.16 4.01 5.37
N GLU A 241 -12.32 4.65 6.52
CA GLU A 241 -11.22 5.23 7.29
C GLU A 241 -11.21 4.61 8.67
N PHE A 242 -10.04 4.14 9.12
CA PHE A 242 -9.76 4.00 10.55
C PHE A 242 -9.28 5.36 11.05
N VAL A 243 -9.81 5.82 12.19
CA VAL A 243 -9.50 7.15 12.67
C VAL A 243 -9.28 7.15 14.19
N VAL A 244 -8.31 7.95 14.63
CA VAL A 244 -8.03 8.16 16.02
C VAL A 244 -7.92 9.64 16.21
N THR A 245 -8.73 10.19 17.13
CA THR A 245 -8.53 11.61 17.58
C THR A 245 -8.43 11.86 19.07
N LYS A 246 -8.88 10.94 19.89
CA LYS A 246 -8.74 11.07 21.36
C LYS A 246 -7.27 11.26 21.68
N PHE A 247 -6.95 12.43 22.22
CA PHE A 247 -5.55 12.80 22.46
C PHE A 247 -4.74 11.87 23.32
N SER A 248 -5.31 11.39 24.41
CA SER A 248 -4.59 10.39 25.22
C SER A 248 -4.25 9.11 24.46
N ASP A 249 -5.08 8.67 23.50
CA ASP A 249 -4.72 7.48 22.67
C ASP A 249 -3.60 7.79 21.68
N ILE A 250 -3.67 8.98 21.08
CA ILE A 250 -2.62 9.45 20.20
C ILE A 250 -1.29 9.48 20.94
N LYS A 251 -1.28 10.11 22.12
CA LYS A 251 -0.08 10.31 22.91
C LYS A 251 0.52 9.00 23.42
N ASP A 252 -0.36 8.10 23.83
CA ASP A 252 0.02 6.90 24.57
C ASP A 252 0.03 5.63 23.71
N LYS A 253 -0.65 5.62 22.55
CA LYS A 253 -0.68 4.45 21.70
C LYS A 253 -0.04 4.70 20.33
N ILE A 254 -0.52 5.71 19.61
CA ILE A 254 -0.07 5.96 18.26
C ILE A 254 1.37 6.49 18.18
N ILE A 255 1.65 7.60 18.84
CA ILE A 255 2.96 8.17 18.74
C ILE A 255 4.08 7.23 19.16
N PRO A 256 3.93 6.57 20.31
CA PRO A 256 5.03 5.69 20.70
C PRO A 256 5.23 4.54 19.73
N VAL A 257 4.16 4.00 19.16
CA VAL A 257 4.33 2.94 18.20
C VAL A 257 5.22 3.40 17.06
N PHE A 258 4.99 4.56 16.48
CA PHE A 258 5.83 4.94 15.33
C PHE A 258 7.17 5.54 15.71
N GLN A 259 7.33 5.88 16.98
CA GLN A 259 8.65 6.30 17.49
C GLN A 259 9.64 5.12 17.57
N GLU A 260 9.11 3.91 17.74
CA GLU A 260 9.93 2.69 17.81
C GLU A 260 10.04 2.03 16.44
N ASN A 261 8.92 2.02 15.72
CA ASN A 261 8.81 1.50 14.39
C ASN A 261 8.56 2.57 13.37
N ASN A 262 9.61 2.99 12.69
CA ASN A 262 9.57 4.25 11.99
C ASN A 262 8.84 4.21 10.67
N ILE A 263 8.09 5.29 10.47
CA ILE A 263 7.53 5.66 9.21
C ILE A 263 8.64 5.91 8.20
N ILE A 264 8.47 5.43 6.98
CA ILE A 264 9.46 5.70 5.92
C ILE A 264 8.93 6.74 4.93
N GLY A 265 9.83 7.29 4.14
CA GLY A 265 9.51 8.31 3.15
C GLY A 265 9.35 9.71 3.74
N VAL A 266 8.84 10.58 2.90
CA VAL A 266 8.44 11.97 3.24
C VAL A 266 7.42 12.04 4.36
N LYS A 267 6.62 11.00 4.47
CA LYS A 267 5.64 10.96 5.53
C LYS A 267 6.24 10.99 6.89
N LEU A 268 7.46 10.53 7.01
CA LEU A 268 8.21 10.63 8.27
C LEU A 268 8.29 12.09 8.76
N GLU A 269 8.56 13.00 7.86
CA GLU A 269 8.64 14.42 8.18
C GLU A 269 7.30 14.96 8.62
N ASP A 270 6.21 14.46 8.01
CA ASP A 270 4.87 14.80 8.49
C ASP A 270 4.61 14.25 9.89
N PHE A 271 5.00 13.00 10.13
CA PHE A 271 4.80 12.40 11.48
C PHE A 271 5.67 13.17 12.53
N GLU A 272 6.85 13.64 12.14
CA GLU A 272 7.70 14.45 13.05
C GLU A 272 7.04 15.79 13.39
N ASP A 273 6.43 16.44 12.40
CA ASP A 273 5.66 17.66 12.65
C ASP A 273 4.45 17.47 13.51
N TRP A 274 3.71 16.40 13.27
CA TRP A 274 2.51 16.09 14.01
C TRP A 274 2.88 15.86 15.45
N CYS A 275 3.96 15.11 15.69
CA CYS A 275 4.47 14.95 17.03
C CYS A 275 4.87 16.28 17.68
N LYS A 276 5.37 17.23 16.90
CA LYS A 276 5.72 18.52 17.48
C LYS A 276 4.46 19.24 17.97
N VAL A 277 3.37 19.12 17.24
CA VAL A 277 2.10 19.67 17.70
C VAL A 277 1.59 18.93 18.93
N ALA A 278 1.78 17.63 18.98
CA ALA A 278 1.32 16.85 20.11
C ALA A 278 1.99 17.34 21.41
N LYS A 279 3.24 17.76 21.28
CA LYS A 279 4.01 18.32 22.38
C LYS A 279 3.42 19.65 22.91
N LEU A 280 3.13 20.55 21.98
CA LEU A 280 2.41 21.77 22.29
C LEU A 280 1.08 21.50 22.97
N ILE A 281 0.32 20.51 22.48
CA ILE A 281 -0.92 20.17 23.06
C ILE A 281 -0.75 19.65 24.46
N GLU A 282 0.26 18.83 24.70
CA GLU A 282 0.42 18.27 26.03
C GLU A 282 0.86 19.36 27.02
N GLU A 283 1.56 20.38 26.55
CA GLU A 283 1.95 21.52 27.40
C GLU A 283 0.83 22.56 27.50
N LYS A 284 -0.32 22.30 26.87
CA LYS A 284 -1.46 23.25 26.85
C LYS A 284 -1.20 24.50 26.06
N LYS A 285 -0.07 24.58 25.37
CA LYS A 285 0.16 25.76 24.58
C LYS A 285 -0.87 25.93 23.51
N HIS A 286 -1.61 24.88 23.14
CA HIS A 286 -2.67 25.04 22.14
C HIS A 286 -3.86 25.92 22.58
N LEU A 287 -3.98 26.12 23.89
CA LEU A 287 -5.01 27.00 24.44
C LEU A 287 -4.53 28.45 24.55
N THR A 288 -3.34 28.73 24.01
CA THR A 288 -2.80 30.09 23.94
C THR A 288 -2.77 30.56 22.52
N GLU A 289 -2.77 31.88 22.34
CA GLU A 289 -2.83 32.51 21.01
C GLU A 289 -1.55 32.33 20.23
N SER A 290 -0.42 32.34 20.96
CA SER A 290 0.89 32.17 20.35
C SER A 290 1.17 30.69 20.06
N GLY A 291 0.72 29.81 20.95
CA GLY A 291 0.83 28.37 20.70
C GLY A 291 0.03 28.00 19.47
N LEU A 292 -1.18 28.54 19.37
CA LEU A 292 -2.01 28.36 18.21
C LEU A 292 -1.30 28.80 16.92
N GLU A 293 -0.68 29.98 16.88
CA GLU A 293 -0.05 30.44 15.63
C GLU A 293 1.19 29.60 15.29
N GLU A 294 1.82 29.00 16.27
CA GLU A 294 2.92 28.09 15.99
C GLU A 294 2.36 26.76 15.37
N ILE A 295 1.16 26.36 15.76
CA ILE A 295 0.52 25.14 15.21
C ILE A 295 0.13 25.40 13.75
N ARG A 296 -0.57 26.52 13.48
CA ARG A 296 -0.82 26.99 12.12
C ARG A 296 0.39 26.97 11.17
N ASN A 297 1.53 27.48 11.61
CA ASN A 297 2.73 27.47 10.79
C ASN A 297 3.26 26.04 10.51
N ILE A 298 3.22 25.20 11.54
CA ILE A 298 3.61 23.78 11.37
C ILE A 298 2.68 23.11 10.38
N LYS A 299 1.39 23.37 10.49
CA LYS A 299 0.40 22.63 9.75
C LYS A 299 0.52 22.93 8.26
N LEU A 300 0.77 24.18 7.93
CA LEU A 300 0.72 24.69 6.57
C LEU A 300 1.89 24.20 5.77
N ASN A 301 2.96 23.79 6.45
CA ASN A 301 4.11 23.18 5.76
C ASN A 301 4.13 21.62 5.90
N MET A 302 2.98 21.05 6.27
CA MET A 302 2.81 19.62 6.35
C MET A 302 2.00 19.14 5.16
N ASN A 303 2.25 17.90 4.76
CA ASN A 303 1.38 17.21 3.80
C ASN A 303 1.39 17.87 2.44
N LYS A 304 0.22 18.31 1.98
CA LYS A 304 0.07 19.03 0.73
C LYS A 304 0.93 20.29 0.64
N GLY A 305 1.05 20.99 1.77
CA GLY A 305 1.81 22.25 1.83
C GLY A 305 3.30 22.10 1.98
N ARG A 306 3.82 20.87 2.11
CA ARG A 306 5.27 20.70 2.24
C ARG A 306 5.94 21.12 0.93
N VAL A 307 7.02 21.87 1.04
CA VAL A 307 7.86 22.20 -0.11
C VAL A 307 8.91 21.10 -0.35
#